data_8WXT
#
_entry.id   8WXT
#
_cell.length_a   78.442
_cell.length_b   98.831
_cell.length_c   80.178
_cell.angle_alpha   90.00
_cell.angle_beta   90.00
_cell.angle_gamma   90.00
#
_symmetry.space_group_name_H-M   'C 2 2 21'
#
loop_
_entity.id
_entity.type
_entity.pdbx_description
1 polymer 'WD repeat-containing protein 5'
2 polymer MBD3C
3 water water
#
loop_
_entity_poly.entity_id
_entity_poly.type
_entity_poly.pdbx_seq_one_letter_code
_entity_poly.pdbx_strand_id
1 'polypeptide(L)'
;GSHMTQSKPTPVKPNYALKFTLAGHTKAVSSVKFSPNGEWLASSSADKLIKIWGAYDGKFEKTISGHKLGISDVAWSSDS
NLLVSASDDKTLKIWDVSSGKCLKTLKGHSNYVFCCNFNPQSNLIVSGSFDESVRIWDVKTGKCLKTLPAHSDPVSAVHF
NRDGSLIVSSSYDGLCRIWDTASGQCLKTLIDDDNPPVSFVKFSPNGKYILAATLDNTLKLWDYSKGKCLKTYTGHKNEK
YCIFANFSVTGGKWIVSGSEDNLVYIWNLQTKEIVQKLQGHTDVVISTACHPTENIIASAALENDKTIKLWKSDC
;
A
2 'polypeptide(L)' GAARCEGFSPQG C
#
# COMPACT_ATOMS: atom_id res chain seq x y z
N VAL A 12 19.70 9.97 16.70
CA VAL A 12 19.54 8.52 16.64
C VAL A 12 19.19 8.08 15.22
N LYS A 13 19.80 6.99 14.77
CA LYS A 13 19.56 6.42 13.46
C LYS A 13 19.34 4.92 13.59
N PRO A 14 18.51 4.33 12.75
CA PRO A 14 18.33 2.88 12.78
C PRO A 14 19.53 2.19 12.17
N ASN A 15 19.58 0.87 12.33
CA ASN A 15 20.66 0.07 11.77
C ASN A 15 20.09 -1.17 11.08
N TYR A 16 19.10 -0.96 10.22
CA TYR A 16 18.50 -2.05 9.47
C TYR A 16 19.56 -2.81 8.69
N ALA A 17 19.54 -4.13 8.82
CA ALA A 17 20.47 -5.02 8.16
C ALA A 17 19.68 -6.14 7.51
N LEU A 18 20.13 -6.58 6.33
CA LEU A 18 19.46 -7.65 5.61
C LEU A 18 19.55 -8.95 6.38
N LYS A 19 18.40 -9.62 6.55
CA LYS A 19 18.32 -10.90 7.25
C LYS A 19 17.90 -12.03 6.34
N PHE A 20 16.92 -11.80 5.47
CA PHE A 20 16.36 -12.84 4.62
C PHE A 20 15.99 -12.25 3.25
N THR A 21 16.19 -13.05 2.22
CA THR A 21 15.70 -12.75 0.89
C THR A 21 14.72 -13.83 0.48
N LEU A 22 13.53 -13.44 0.03
CA LEU A 22 12.42 -14.37 -0.20
C LEU A 22 12.19 -14.46 -1.70
N ALA A 23 12.48 -15.62 -2.27
CA ALA A 23 12.31 -15.82 -3.70
C ALA A 23 11.12 -16.76 -3.95
N GLY A 24 10.45 -16.54 -5.07
CA GLY A 24 9.42 -17.46 -5.52
C GLY A 24 8.35 -16.88 -6.40
N HIS A 25 8.11 -15.57 -6.35
CA HIS A 25 7.27 -14.95 -7.37
C HIS A 25 7.98 -15.00 -8.72
N THR A 26 7.23 -15.28 -9.79
CA THR A 26 7.82 -15.45 -11.12
C THR A 26 7.71 -14.19 -11.97
N LYS A 27 7.12 -13.12 -11.45
CA LYS A 27 7.18 -11.80 -12.07
C LYS A 27 7.35 -10.76 -10.98
N ALA A 28 7.34 -9.50 -11.39
CA ALA A 28 7.47 -8.39 -10.46
C ALA A 28 6.53 -8.53 -9.26
N VAL A 29 7.07 -8.23 -8.09
CA VAL A 29 6.21 -8.11 -6.91
C VAL A 29 5.53 -6.76 -6.97
N SER A 30 4.32 -6.66 -6.40
CA SER A 30 3.58 -5.42 -6.40
C SER A 30 3.33 -4.84 -5.01
N SER A 31 3.14 -5.68 -4.00
CA SER A 31 2.91 -5.15 -2.66
C SER A 31 3.22 -6.23 -1.63
N VAL A 32 3.71 -5.78 -0.48
CA VAL A 32 3.91 -6.63 0.69
C VAL A 32 3.26 -5.95 1.89
N LYS A 33 2.70 -6.78 2.78
CA LYS A 33 1.95 -6.31 3.95
C LYS A 33 2.16 -7.30 5.09
N PHE A 34 2.51 -6.80 6.28
CA PHE A 34 2.58 -7.66 7.45
C PHE A 34 1.17 -7.84 8.04
N SER A 35 0.87 -9.05 8.52
CA SER A 35 -0.41 -9.24 9.20
C SER A 35 -0.46 -8.40 10.47
N PRO A 36 -1.65 -7.92 10.86
CA PRO A 36 -1.73 -7.14 12.11
C PRO A 36 -1.25 -7.88 13.33
N ASN A 37 -1.31 -9.22 13.35
CA ASN A 37 -0.84 -9.95 14.51
C ASN A 37 0.67 -10.25 14.45
N GLY A 38 1.35 -9.75 13.42
CA GLY A 38 2.80 -9.85 13.32
C GLY A 38 3.34 -11.18 12.86
N GLU A 39 2.48 -12.16 12.61
CA GLU A 39 2.98 -13.51 12.35
C GLU A 39 3.41 -13.68 10.90
N TRP A 40 2.80 -12.93 9.97
CA TRP A 40 2.87 -13.24 8.56
C TRP A 40 3.21 -12.02 7.72
N LEU A 41 3.80 -12.28 6.57
CA LEU A 41 3.91 -11.33 5.47
C LEU A 41 3.13 -11.88 4.29
N ALA A 42 2.30 -11.04 3.67
CA ALA A 42 1.63 -11.38 2.43
C ALA A 42 2.23 -10.56 1.31
N SER A 43 2.37 -11.17 0.15
CA SER A 43 2.89 -10.49 -1.02
C SER A 43 1.99 -10.78 -2.21
N SER A 44 1.85 -9.79 -3.08
CA SER A 44 1.08 -9.94 -4.31
C SER A 44 2.01 -9.69 -5.47
N SER A 45 1.67 -10.24 -6.64
CA SER A 45 2.60 -10.11 -7.76
C SER A 45 1.85 -10.01 -9.07
N ALA A 46 2.55 -9.46 -10.07
CA ALA A 46 2.11 -9.53 -11.46
C ALA A 46 1.97 -10.97 -11.96
N ASP A 47 2.50 -11.97 -11.25
CA ASP A 47 2.35 -13.36 -11.64
C ASP A 47 0.99 -13.94 -11.26
N LYS A 48 0.05 -13.09 -10.82
CA LYS A 48 -1.34 -13.41 -10.46
C LYS A 48 -1.44 -14.15 -9.14
N LEU A 49 -0.37 -14.19 -8.34
CA LEU A 49 -0.35 -14.98 -7.13
C LEU A 49 -0.19 -14.09 -5.90
N ILE A 50 -0.76 -14.58 -4.79
CA ILE A 50 -0.47 -14.12 -3.44
C ILE A 50 0.41 -15.17 -2.78
N LYS A 51 1.44 -14.75 -2.07
CA LYS A 51 2.25 -15.67 -1.29
C LYS A 51 2.30 -15.23 0.16
N ILE A 52 2.27 -16.20 1.06
CA ILE A 52 2.35 -15.99 2.50
C ILE A 52 3.68 -16.53 3.00
N TRP A 53 4.36 -15.72 3.83
CA TRP A 53 5.67 -16.02 4.37
C TRP A 53 5.69 -15.75 5.87
N GLY A 54 6.52 -16.49 6.60
CA GLY A 54 6.72 -16.20 8.02
C GLY A 54 7.36 -14.84 8.22
N ALA A 55 6.83 -14.01 9.13
CA ALA A 55 7.29 -12.63 9.23
C ALA A 55 8.67 -12.55 9.87
N TYR A 56 9.04 -13.52 10.71
CA TYR A 56 10.28 -13.46 11.47
C TYR A 56 11.42 -14.23 10.83
N ASP A 57 11.12 -15.30 10.08
CA ASP A 57 12.16 -16.09 9.44
C ASP A 57 12.07 -16.10 7.93
N GLY A 58 11.04 -15.45 7.35
CA GLY A 58 10.90 -15.44 5.92
C GLY A 58 10.55 -16.78 5.31
N LYS A 59 10.20 -17.76 6.13
CA LYS A 59 9.90 -19.10 5.63
C LYS A 59 8.63 -19.09 4.80
N PHE A 60 8.70 -19.62 3.58
CA PHE A 60 7.52 -19.68 2.73
C PHE A 60 6.44 -20.53 3.39
N GLU A 61 5.22 -19.99 3.41
CA GLU A 61 4.08 -20.66 4.02
C GLU A 61 3.12 -21.22 2.98
N LYS A 62 2.58 -20.39 2.09
CA LYS A 62 1.69 -20.96 1.09
C LYS A 62 1.48 -19.99 -0.07
N THR A 63 0.89 -20.51 -1.15
CA THR A 63 0.52 -19.71 -2.30
C THR A 63 -1.01 -19.72 -2.42
N ILE A 64 -1.58 -18.56 -2.71
CA ILE A 64 -3.02 -18.38 -2.88
C ILE A 64 -3.26 -17.89 -4.30
N SER A 65 -4.10 -18.63 -5.04
CA SER A 65 -4.25 -18.39 -6.47
C SER A 65 -5.73 -18.28 -6.83
N GLY A 66 -5.97 -17.69 -8.00
CA GLY A 66 -7.30 -17.61 -8.57
C GLY A 66 -7.60 -16.39 -9.41
N HIS A 67 -6.88 -15.29 -9.23
CA HIS A 67 -7.03 -14.17 -10.14
C HIS A 67 -6.58 -14.58 -11.54
N LYS A 68 -7.22 -13.99 -12.55
CA LYS A 68 -6.93 -14.30 -13.95
C LYS A 68 -5.81 -13.45 -14.54
N LEU A 69 -5.47 -12.33 -13.90
CA LEU A 69 -4.40 -11.44 -14.33
C LEU A 69 -3.63 -10.99 -13.08
N GLY A 70 -2.59 -10.19 -13.31
CA GLY A 70 -1.72 -9.83 -12.20
C GLY A 70 -2.43 -9.03 -11.12
N ILE A 71 -1.82 -9.01 -9.95
CA ILE A 71 -2.38 -8.38 -8.76
C ILE A 71 -1.53 -7.16 -8.42
N SER A 72 -2.18 -6.01 -8.22
CA SER A 72 -1.46 -4.78 -7.86
C SER A 72 -1.43 -4.50 -6.37
N ASP A 73 -2.31 -5.09 -5.56
CA ASP A 73 -2.36 -4.78 -4.14
C ASP A 73 -3.00 -5.93 -3.38
N VAL A 74 -2.64 -6.05 -2.10
CA VAL A 74 -3.22 -7.01 -1.18
C VAL A 74 -3.25 -6.36 0.19
N ALA A 75 -4.23 -6.74 1.01
CA ALA A 75 -4.39 -6.12 2.33
C ALA A 75 -5.03 -7.10 3.30
N TRP A 76 -4.65 -6.98 4.57
CA TRP A 76 -5.11 -7.88 5.62
C TRP A 76 -6.34 -7.31 6.32
N SER A 77 -7.21 -8.22 6.74
CA SER A 77 -8.24 -7.84 7.71
C SER A 77 -7.61 -7.63 9.08
N SER A 78 -8.32 -6.90 9.95
CA SER A 78 -7.69 -6.50 11.20
CA SER A 78 -7.78 -6.48 11.24
C SER A 78 -7.43 -7.67 12.15
N ASP A 79 -8.14 -8.77 11.99
CA ASP A 79 -7.91 -9.96 12.81
C ASP A 79 -6.92 -10.95 12.18
N SER A 80 -6.27 -10.56 11.10
CA SER A 80 -5.26 -11.33 10.38
C SER A 80 -5.81 -12.61 9.73
N ASN A 81 -7.13 -12.75 9.64
CA ASN A 81 -7.76 -13.96 9.10
C ASN A 81 -8.02 -13.90 7.60
N LEU A 82 -8.20 -12.69 7.05
CA LEU A 82 -8.63 -12.50 5.68
C LEU A 82 -7.64 -11.63 4.92
N LEU A 83 -7.62 -11.83 3.61
CA LEU A 83 -6.92 -10.92 2.70
C LEU A 83 -7.93 -10.41 1.68
N VAL A 84 -7.68 -9.21 1.16
CA VAL A 84 -8.33 -8.73 -0.05
C VAL A 84 -7.25 -8.37 -1.06
N SER A 85 -7.48 -8.73 -2.33
CA SER A 85 -6.54 -8.43 -3.40
C SER A 85 -7.25 -7.67 -4.52
N ALA A 86 -6.47 -6.85 -5.25
CA ALA A 86 -6.97 -6.02 -6.34
C ALA A 86 -6.22 -6.38 -7.61
N SER A 87 -6.95 -6.71 -8.69
CA SER A 87 -6.30 -7.30 -9.86
C SER A 87 -6.62 -6.57 -11.14
N ASP A 88 -5.71 -6.72 -12.12
CA ASP A 88 -5.99 -6.28 -13.49
C ASP A 88 -7.19 -7.00 -14.10
N ASP A 89 -7.61 -8.13 -13.53
CA ASP A 89 -8.81 -8.80 -14.04
C ASP A 89 -10.12 -8.08 -13.65
N LYS A 90 -9.96 -6.88 -13.08
CA LYS A 90 -11.02 -5.94 -12.69
C LYS A 90 -11.84 -6.42 -11.52
N THR A 91 -11.37 -7.45 -10.81
CA THR A 91 -12.02 -7.89 -9.60
C THR A 91 -11.17 -7.61 -8.39
N LEU A 92 -11.85 -7.60 -7.23
CA LEU A 92 -11.15 -7.88 -5.99
C LEU A 92 -11.53 -9.26 -5.52
N LYS A 93 -10.67 -9.86 -4.71
CA LYS A 93 -11.02 -11.13 -4.12
C LYS A 93 -10.80 -11.08 -2.62
N ILE A 94 -11.75 -11.65 -1.87
CA ILE A 94 -11.64 -11.84 -0.42
C ILE A 94 -11.31 -13.30 -0.17
N TRP A 95 -10.20 -13.52 0.56
CA TRP A 95 -9.62 -14.83 0.83
C TRP A 95 -9.63 -15.14 2.32
N ASP A 96 -9.96 -16.38 2.64
CA ASP A 96 -9.71 -16.95 3.97
C ASP A 96 -8.28 -17.51 3.96
N VAL A 97 -7.37 -16.88 4.71
CA VAL A 97 -5.95 -17.22 4.59
C VAL A 97 -5.70 -18.66 5.05
N SER A 98 -6.35 -19.08 6.14
CA SER A 98 -6.08 -20.39 6.71
C SER A 98 -6.46 -21.52 5.74
N SER A 99 -7.62 -21.39 5.10
CA SER A 99 -8.09 -22.42 4.17
C SER A 99 -7.62 -22.18 2.73
N GLY A 100 -7.24 -20.94 2.41
CA GLY A 100 -6.94 -20.55 1.06
C GLY A 100 -8.16 -20.30 0.19
N LYS A 101 -9.37 -20.46 0.74
CA LYS A 101 -10.59 -20.30 -0.04
C LYS A 101 -10.77 -18.87 -0.49
N CYS A 102 -11.28 -18.70 -1.71
CA CYS A 102 -11.76 -17.40 -2.16
C CYS A 102 -13.20 -17.26 -1.67
N LEU A 103 -13.40 -16.42 -0.65
CA LEU A 103 -14.74 -16.30 -0.07
C LEU A 103 -15.65 -15.53 -0.98
N LYS A 104 -15.14 -14.45 -1.57
CA LYS A 104 -15.99 -13.63 -2.44
C LYS A 104 -15.15 -13.05 -3.56
N THR A 105 -15.78 -12.85 -4.71
CA THR A 105 -15.18 -12.10 -5.82
C THR A 105 -16.01 -10.84 -6.03
N LEU A 106 -15.38 -9.68 -5.81
CA LEU A 106 -16.04 -8.38 -5.81
C LEU A 106 -15.98 -7.84 -7.23
N LYS A 107 -17.13 -7.72 -7.88
CA LYS A 107 -17.12 -7.37 -9.28
C LYS A 107 -17.95 -6.11 -9.48
N GLY A 108 -17.48 -5.23 -10.36
CA GLY A 108 -18.16 -3.97 -10.59
C GLY A 108 -17.29 -2.82 -11.03
N HIS A 109 -15.99 -2.86 -10.77
CA HIS A 109 -15.12 -1.92 -11.45
C HIS A 109 -15.09 -2.25 -12.94
N SER A 110 -14.94 -1.22 -13.77
CA SER A 110 -14.92 -1.39 -15.22
C SER A 110 -13.52 -1.32 -15.80
N ASN A 111 -12.50 -1.29 -14.95
CA ASN A 111 -11.11 -1.27 -15.39
C ASN A 111 -10.28 -1.84 -14.24
N TYR A 112 -8.96 -1.90 -14.44
CA TYR A 112 -8.09 -2.56 -13.47
C TYR A 112 -8.36 -2.04 -12.06
N VAL A 113 -8.36 -2.94 -11.08
CA VAL A 113 -8.40 -2.53 -9.68
C VAL A 113 -6.96 -2.41 -9.19
N PHE A 114 -6.63 -1.26 -8.60
CA PHE A 114 -5.25 -0.90 -8.34
C PHE A 114 -4.87 -0.97 -6.87
N CYS A 115 -5.82 -0.72 -5.96
CA CYS A 115 -5.52 -0.55 -4.55
C CYS A 115 -6.72 -0.99 -3.74
N CYS A 116 -6.47 -1.44 -2.51
CA CYS A 116 -7.54 -1.95 -1.67
C CYS A 116 -7.15 -1.92 -0.20
N ASN A 117 -8.17 -1.88 0.66
CA ASN A 117 -7.97 -1.93 2.10
C ASN A 117 -9.28 -2.31 2.77
N PHE A 118 -9.17 -3.01 3.91
CA PHE A 118 -10.30 -3.17 4.82
C PHE A 118 -10.43 -1.90 5.67
N ASN A 119 -11.62 -1.68 6.22
CA ASN A 119 -11.74 -0.72 7.32
C ASN A 119 -11.30 -1.38 8.61
N PRO A 120 -11.06 -0.60 9.67
CA PRO A 120 -10.61 -1.20 10.94
C PRO A 120 -11.54 -2.27 11.48
N GLN A 121 -12.85 -2.13 11.29
CA GLN A 121 -13.78 -3.19 11.69
C GLN A 121 -13.61 -4.43 10.81
N SER A 122 -13.17 -4.23 9.57
CA SER A 122 -13.06 -5.29 8.57
C SER A 122 -14.42 -5.82 8.14
N ASN A 123 -15.48 -4.99 8.25
CA ASN A 123 -16.76 -5.29 7.64
C ASN A 123 -16.94 -4.59 6.30
N LEU A 124 -16.02 -3.69 5.94
CA LEU A 124 -16.03 -3.03 4.64
C LEU A 124 -14.67 -3.15 3.97
N ILE A 125 -14.70 -3.05 2.65
CA ILE A 125 -13.50 -2.93 1.83
C ILE A 125 -13.65 -1.69 0.97
N VAL A 126 -12.55 -0.97 0.79
CA VAL A 126 -12.51 0.16 -0.13
C VAL A 126 -11.52 -0.19 -1.23
N SER A 127 -11.86 0.17 -2.46
CA SER A 127 -11.01 -0.12 -3.62
C SER A 127 -10.92 1.12 -4.51
N GLY A 128 -9.81 1.18 -5.25
CA GLY A 128 -9.64 2.21 -6.25
C GLY A 128 -9.19 1.57 -7.55
N SER A 129 -9.52 2.21 -8.67
CA SER A 129 -9.43 1.56 -9.96
C SER A 129 -8.96 2.52 -11.05
N PHE A 130 -8.45 1.94 -12.13
CA PHE A 130 -8.18 2.72 -13.35
C PHE A 130 -9.45 3.31 -13.92
N ASP A 131 -10.63 2.81 -13.52
CA ASP A 131 -11.89 3.38 -13.98
C ASP A 131 -12.24 4.69 -13.27
N GLU A 132 -11.33 5.21 -12.45
CA GLU A 132 -11.34 6.55 -11.84
C GLU A 132 -12.32 6.62 -10.68
N SER A 133 -12.84 5.48 -10.22
CA SER A 133 -13.83 5.40 -9.16
C SER A 133 -13.23 4.82 -7.88
N VAL A 134 -13.86 5.17 -6.77
CA VAL A 134 -13.62 4.53 -5.47
C VAL A 134 -14.86 3.74 -5.10
N ARG A 135 -14.69 2.48 -4.71
CA ARG A 135 -15.86 1.66 -4.37
C ARG A 135 -15.77 1.14 -2.95
N ILE A 136 -16.94 1.05 -2.31
CA ILE A 136 -17.07 0.56 -0.95
C ILE A 136 -17.95 -0.69 -1.01
N TRP A 137 -17.43 -1.79 -0.46
CA TRP A 137 -18.02 -3.12 -0.56
C TRP A 137 -18.29 -3.69 0.83
N ASP A 138 -19.36 -4.46 0.93
CA ASP A 138 -19.69 -5.20 2.15
C ASP A 138 -18.90 -6.51 2.16
N VAL A 139 -18.12 -6.73 3.22
CA VAL A 139 -17.26 -7.91 3.29
C VAL A 139 -18.09 -9.19 3.34
N LYS A 140 -19.17 -9.19 4.14
CA LYS A 140 -19.93 -10.43 4.36
C LYS A 140 -20.64 -10.89 3.08
N THR A 141 -21.26 -9.98 2.34
CA THR A 141 -22.00 -10.37 1.15
C THR A 141 -21.22 -10.22 -0.14
N GLY A 142 -20.11 -9.48 -0.12
CA GLY A 142 -19.37 -9.20 -1.34
C GLY A 142 -20.03 -8.21 -2.27
N LYS A 143 -21.08 -7.53 -1.82
CA LYS A 143 -21.84 -6.61 -2.66
C LYS A 143 -21.25 -5.21 -2.60
N CYS A 144 -21.28 -4.52 -3.74
CA CYS A 144 -20.81 -3.14 -3.77
C CYS A 144 -21.88 -2.26 -3.15
N LEU A 145 -21.52 -1.51 -2.11
CA LEU A 145 -22.44 -0.63 -1.41
C LEU A 145 -22.47 0.77 -2.02
N LYS A 146 -21.30 1.29 -2.41
CA LYS A 146 -21.26 2.64 -2.95
C LYS A 146 -20.19 2.72 -4.03
N THR A 147 -20.48 3.51 -5.07
CA THR A 147 -19.48 3.90 -6.06
C THR A 147 -19.35 5.41 -6.04
N LEU A 148 -18.15 5.89 -5.71
CA LEU A 148 -17.85 7.31 -5.65
C LEU A 148 -17.18 7.73 -6.94
N PRO A 149 -17.72 8.72 -7.66
CA PRO A 149 -17.06 9.31 -8.86
C PRO A 149 -15.94 10.23 -8.39
N ALA A 150 -14.85 9.60 -7.97
CA ALA A 150 -13.89 10.22 -7.06
C ALA A 150 -12.88 11.10 -7.80
N HIS A 151 -12.45 10.69 -8.98
CA HIS A 151 -11.29 11.31 -9.61
C HIS A 151 -11.50 11.30 -11.13
N SER A 152 -10.56 11.95 -11.85
CA SER A 152 -10.62 12.04 -13.31
C SER A 152 -9.44 11.35 -13.96
N ASP A 153 -8.84 10.41 -13.25
CA ASP A 153 -7.69 9.62 -13.68
C ASP A 153 -7.61 8.42 -12.74
N PRO A 154 -6.75 7.45 -13.02
CA PRO A 154 -6.71 6.26 -12.16
C PRO A 154 -6.46 6.59 -10.70
N VAL A 155 -7.09 5.80 -9.83
CA VAL A 155 -6.97 5.96 -8.39
C VAL A 155 -5.82 5.10 -7.90
N SER A 156 -4.81 5.75 -7.30
CA SER A 156 -3.57 5.05 -6.94
C SER A 156 -3.60 4.46 -5.53
N ALA A 157 -4.43 4.97 -4.63
CA ALA A 157 -4.44 4.47 -3.25
C ALA A 157 -5.77 4.82 -2.60
N VAL A 158 -6.20 3.95 -1.66
CA VAL A 158 -7.39 4.17 -0.84
C VAL A 158 -7.10 3.65 0.56
N HIS A 159 -7.55 4.37 1.57
CA HIS A 159 -7.23 3.97 2.94
C HIS A 159 -8.29 4.52 3.89
N PHE A 160 -8.69 3.71 4.87
CA PHE A 160 -9.63 4.16 5.89
C PHE A 160 -8.86 4.82 7.03
N ASN A 161 -9.51 5.76 7.73
CA ASN A 161 -8.88 6.38 8.87
C ASN A 161 -9.08 5.48 10.10
N ARG A 162 -8.69 5.99 11.27
CA ARG A 162 -8.55 5.14 12.46
C ARG A 162 -9.87 4.48 12.85
N ASP A 163 -10.99 5.20 12.74
CA ASP A 163 -12.28 4.65 13.13
C ASP A 163 -13.16 4.28 11.94
N GLY A 164 -12.65 4.39 10.71
CA GLY A 164 -13.42 4.01 9.55
C GLY A 164 -14.39 5.05 9.06
N SER A 165 -14.48 6.20 9.74
CA SER A 165 -15.44 7.24 9.35
C SER A 165 -15.07 7.89 8.03
N LEU A 166 -13.79 7.87 7.68
CA LEU A 166 -13.27 8.59 6.53
C LEU A 166 -12.50 7.63 5.63
N ILE A 167 -12.46 7.98 4.35
CA ILE A 167 -11.63 7.33 3.34
C ILE A 167 -10.77 8.41 2.71
N VAL A 168 -9.48 8.15 2.53
CA VAL A 168 -8.61 9.00 1.72
C VAL A 168 -8.29 8.28 0.43
N SER A 169 -8.35 9.01 -0.68
CA SER A 169 -7.99 8.47 -1.99
C SER A 169 -6.96 9.38 -2.62
N SER A 170 -6.14 8.82 -3.51
CA SER A 170 -5.18 9.61 -4.27
C SER A 170 -5.31 9.21 -5.73
N SER A 171 -4.90 10.10 -6.63
CA SER A 171 -5.09 9.81 -8.05
C SER A 171 -4.00 10.46 -8.89
N TYR A 172 -3.81 9.88 -10.08
CA TYR A 172 -2.96 10.48 -11.09
C TYR A 172 -3.47 11.86 -11.49
N ASP A 173 -4.74 12.19 -11.20
CA ASP A 173 -5.22 13.53 -11.53
C ASP A 173 -4.62 14.62 -10.65
N GLY A 174 -3.76 14.27 -9.69
CA GLY A 174 -3.06 15.24 -8.88
C GLY A 174 -3.71 15.54 -7.54
N LEU A 175 -4.83 14.91 -7.24
CA LEU A 175 -5.61 15.23 -6.06
C LEU A 175 -5.54 14.12 -5.02
N CYS A 176 -5.64 14.54 -3.76
CA CYS A 176 -6.02 13.65 -2.67
CA CYS A 176 -6.04 13.61 -2.73
C CYS A 176 -7.38 14.07 -2.18
N ARG A 177 -8.28 13.12 -1.96
CA ARG A 177 -9.61 13.49 -1.52
C ARG A 177 -10.00 12.71 -0.28
N ILE A 178 -10.72 13.37 0.60
CA ILE A 178 -11.24 12.79 1.84
C ILE A 178 -12.74 12.66 1.67
N TRP A 179 -13.25 11.44 1.88
CA TRP A 179 -14.63 11.03 1.68
C TRP A 179 -15.25 10.59 3.00
N ASP A 180 -16.50 10.95 3.19
CA ASP A 180 -17.28 10.45 4.33
C ASP A 180 -17.77 9.04 4.00
N THR A 181 -17.35 8.05 4.80
CA THR A 181 -17.69 6.67 4.49
C THR A 181 -19.19 6.46 4.42
N ALA A 182 -19.93 7.05 5.36
CA ALA A 182 -21.35 6.80 5.46
C ALA A 182 -22.14 7.44 4.30
N SER A 183 -21.81 8.68 3.95
CA SER A 183 -22.57 9.42 2.97
C SER A 183 -21.97 9.37 1.57
N GLY A 184 -20.65 9.17 1.46
CA GLY A 184 -19.98 9.28 0.18
C GLY A 184 -19.67 10.70 -0.24
N GLN A 185 -19.97 11.70 0.59
CA GLN A 185 -19.68 13.07 0.23
C GLN A 185 -18.18 13.33 0.22
N CYS A 186 -17.74 14.16 -0.72
CA CYS A 186 -16.35 14.62 -0.75
C CYS A 186 -16.21 15.73 0.28
N LEU A 187 -15.49 15.44 1.37
CA LEU A 187 -15.30 16.40 2.45
C LEU A 187 -14.09 17.27 2.23
N LYS A 188 -13.10 16.81 1.48
CA LYS A 188 -11.94 17.67 1.30
C LYS A 188 -11.15 17.27 0.07
N THR A 189 -10.60 18.26 -0.64
CA THR A 189 -9.62 18.03 -1.71
C THR A 189 -8.32 18.72 -1.33
N LEU A 190 -7.23 17.97 -1.37
CA LEU A 190 -5.91 18.44 -1.00
C LEU A 190 -4.98 18.38 -2.20
N ILE A 191 -4.28 19.50 -2.44
CA ILE A 191 -3.29 19.66 -3.50
C ILE A 191 -2.41 20.85 -3.12
N ASP A 192 -1.12 20.75 -3.40
CA ASP A 192 -0.15 21.80 -3.10
C ASP A 192 0.08 22.69 -4.34
N ASP A 193 1.14 23.51 -4.28
CA ASP A 193 1.38 24.53 -5.30
C ASP A 193 1.67 23.95 -6.68
N ASP A 194 2.08 22.69 -6.77
CA ASP A 194 2.30 22.01 -8.04
C ASP A 194 1.26 20.90 -8.17
N ASN A 195 1.06 20.40 -9.39
CA ASN A 195 0.03 19.37 -9.55
C ASN A 195 0.54 18.03 -10.08
N PRO A 196 1.61 17.46 -9.54
CA PRO A 196 2.06 16.15 -10.02
C PRO A 196 1.06 15.05 -9.69
N PRO A 197 1.06 13.96 -10.45
CA PRO A 197 0.23 12.81 -10.08
C PRO A 197 0.52 12.37 -8.65
N VAL A 198 -0.52 12.00 -7.93
CA VAL A 198 -0.37 11.48 -6.58
C VAL A 198 -0.39 9.96 -6.67
N SER A 199 0.70 9.33 -6.25
CA SER A 199 0.92 7.91 -6.46
C SER A 199 0.64 7.06 -5.23
N PHE A 200 0.44 7.67 -4.07
CA PHE A 200 0.18 6.91 -2.85
C PHE A 200 -0.31 7.85 -1.77
N VAL A 201 -1.20 7.35 -0.90
CA VAL A 201 -1.64 8.08 0.27
C VAL A 201 -2.09 7.09 1.35
N LYS A 202 -1.90 7.47 2.61
CA LYS A 202 -2.44 6.71 3.72
C LYS A 202 -2.53 7.62 4.94
N PHE A 203 -3.44 7.27 5.84
CA PHE A 203 -3.52 7.95 7.13
C PHE A 203 -2.37 7.52 8.03
N SER A 204 -2.00 8.41 8.94
CA SER A 204 -1.03 8.08 9.98
C SER A 204 -1.64 7.14 11.02
N PRO A 205 -0.81 6.45 11.80
CA PRO A 205 -1.37 5.54 12.81
C PRO A 205 -2.32 6.22 13.78
N ASN A 206 -2.02 7.45 14.21
CA ASN A 206 -2.94 8.12 15.11
C ASN A 206 -4.12 8.75 14.39
N GLY A 207 -4.13 8.72 13.06
CA GLY A 207 -5.24 9.24 12.29
C GLY A 207 -5.23 10.75 12.08
N LYS A 208 -4.25 11.48 12.63
CA LYS A 208 -4.20 12.93 12.50
C LYS A 208 -3.72 13.39 11.13
N TYR A 209 -2.88 12.60 10.47
CA TYR A 209 -2.18 13.04 9.27
C TYR A 209 -2.46 12.11 8.11
N ILE A 210 -2.17 12.60 6.92
CA ILE A 210 -2.03 11.74 5.76
C ILE A 210 -0.64 11.91 5.17
N LEU A 211 -0.07 10.80 4.72
CA LEU A 211 1.23 10.77 4.05
C LEU A 211 0.96 10.51 2.57
N ALA A 212 1.38 11.43 1.71
CA ALA A 212 1.08 11.36 0.29
C ALA A 212 2.37 11.37 -0.52
N ALA A 213 2.45 10.47 -1.50
CA ALA A 213 3.57 10.45 -2.43
C ALA A 213 3.13 11.07 -3.75
N THR A 214 4.01 11.88 -4.34
CA THR A 214 3.75 12.41 -5.68
C THR A 214 4.90 12.05 -6.59
N LEU A 215 4.63 12.05 -7.90
CA LEU A 215 5.59 11.55 -8.88
C LEU A 215 6.57 12.64 -9.28
N ASP A 216 6.88 13.53 -8.33
CA ASP A 216 7.95 14.51 -8.44
C ASP A 216 8.99 14.28 -7.34
N ASN A 217 9.19 13.00 -6.98
CA ASN A 217 10.23 12.60 -6.04
C ASN A 217 9.98 13.18 -4.63
N THR A 218 8.72 13.19 -4.20
CA THR A 218 8.38 13.86 -2.95
C THR A 218 7.37 13.07 -2.15
N LEU A 219 7.60 13.00 -0.84
CA LEU A 219 6.61 12.54 0.12
C LEU A 219 6.20 13.72 0.99
N LYS A 220 4.93 13.79 1.38
CA LYS A 220 4.44 14.93 2.14
C LYS A 220 3.52 14.48 3.26
N LEU A 221 3.75 15.02 4.45
CA LEU A 221 2.91 14.79 5.61
C LEU A 221 1.97 15.98 5.75
N TRP A 222 0.66 15.72 5.68
CA TRP A 222 -0.41 16.71 5.72
C TRP A 222 -1.22 16.56 7.00
N ASP A 223 -1.60 17.70 7.58
CA ASP A 223 -2.74 17.78 8.49
C ASP A 223 -3.98 17.93 7.62
N TYR A 224 -4.75 16.86 7.44
CA TYR A 224 -5.84 16.99 6.48
C TYR A 224 -6.99 17.83 7.03
N SER A 225 -7.17 17.88 8.36
CA SER A 225 -8.22 18.73 8.91
C SER A 225 -7.96 20.20 8.62
N LYS A 226 -6.72 20.65 8.84
CA LYS A 226 -6.34 22.01 8.52
C LYS A 226 -5.95 22.19 7.06
N GLY A 227 -5.77 21.11 6.31
CA GLY A 227 -5.36 21.20 4.92
C GLY A 227 -3.99 21.81 4.74
N LYS A 228 -3.07 21.51 5.65
CA LYS A 228 -1.74 22.11 5.64
C LYS A 228 -0.69 21.03 5.48
N CYS A 229 0.27 21.28 4.60
CA CYS A 229 1.42 20.39 4.45
C CYS A 229 2.44 20.70 5.54
N LEU A 230 2.72 19.71 6.37
CA LEU A 230 3.52 19.90 7.58
C LEU A 230 4.97 19.49 7.38
N LYS A 231 5.21 18.44 6.61
CA LYS A 231 6.57 17.93 6.40
C LYS A 231 6.75 17.50 4.96
N THR A 232 7.94 17.68 4.40
CA THR A 232 8.25 17.07 3.12
C THR A 232 9.51 16.22 3.23
N TYR A 233 9.50 15.07 2.56
CA TYR A 233 10.60 14.12 2.59
C TYR A 233 11.09 13.93 1.16
N THR A 234 12.39 14.19 0.96
CA THR A 234 12.98 14.17 -0.37
C THR A 234 14.33 13.48 -0.29
N GLY A 235 14.88 13.17 -1.46
CA GLY A 235 16.15 12.47 -1.58
C GLY A 235 16.05 11.16 -2.31
N HIS A 236 14.86 10.59 -2.43
CA HIS A 236 14.65 9.36 -3.17
C HIS A 236 14.27 9.69 -4.61
N LYS A 237 14.09 8.66 -5.43
CA LYS A 237 13.65 8.82 -6.82
C LYS A 237 12.28 8.19 -6.97
N ASN A 238 11.31 9.01 -7.36
CA ASN A 238 9.95 8.51 -7.58
C ASN A 238 9.28 9.41 -8.62
N GLU A 239 9.35 8.97 -9.87
CA GLU A 239 8.76 9.71 -10.99
C GLU A 239 7.81 8.86 -11.83
N LYS A 240 7.75 7.54 -11.62
CA LYS A 240 7.01 6.66 -12.52
C LYS A 240 6.06 5.71 -11.82
N TYR A 241 6.45 5.14 -10.67
CA TYR A 241 5.72 4.02 -10.10
C TYR A 241 4.98 4.44 -8.84
N CYS A 242 3.88 3.73 -8.57
CA CYS A 242 3.10 3.98 -7.35
C CYS A 242 3.75 3.18 -6.23
N ILE A 243 4.69 3.82 -5.55
CA ILE A 243 5.50 3.18 -4.52
C ILE A 243 4.85 3.43 -3.16
N PHE A 244 4.68 2.36 -2.37
CA PHE A 244 4.13 2.49 -1.04
C PHE A 244 5.08 3.27 -0.13
N ALA A 245 4.52 3.95 0.86
CA ALA A 245 5.31 4.55 1.94
C ALA A 245 4.68 4.18 3.27
N ASN A 246 5.49 4.26 4.34
CA ASN A 246 5.07 3.79 5.65
C ASN A 246 5.52 4.73 6.76
N PHE A 247 4.77 4.69 7.86
CA PHE A 247 5.20 5.18 9.16
C PHE A 247 5.82 4.02 9.93
N SER A 248 7.06 4.17 10.38
CA SER A 248 7.68 3.20 11.26
C SER A 248 7.62 3.74 12.69
N VAL A 249 6.98 2.98 13.58
CA VAL A 249 6.71 3.45 14.93
C VAL A 249 7.19 2.49 16.01
N THR A 250 7.75 1.32 15.64
CA THR A 250 8.15 0.36 16.67
C THR A 250 9.38 0.81 17.45
N GLY A 251 10.31 1.52 16.80
CA GLY A 251 11.46 2.06 17.48
C GLY A 251 11.48 3.58 17.40
N GLY A 252 12.43 4.13 16.66
CA GLY A 252 12.35 5.52 16.30
C GLY A 252 11.19 5.79 15.36
N LYS A 253 10.77 7.05 15.29
CA LYS A 253 9.64 7.44 14.45
C LYS A 253 10.18 7.80 13.07
N TRP A 254 10.06 6.89 12.11
CA TRP A 254 10.62 7.08 10.78
C TRP A 254 9.53 7.13 9.72
N ILE A 255 9.92 7.59 8.54
CA ILE A 255 9.19 7.41 7.28
C ILE A 255 10.01 6.48 6.41
N VAL A 256 9.36 5.47 5.82
CA VAL A 256 10.03 4.43 5.03
C VAL A 256 9.42 4.41 3.64
N SER A 257 10.26 4.35 2.61
CA SER A 257 9.74 4.27 1.25
C SER A 257 10.70 3.53 0.33
N GLY A 258 10.13 2.86 -0.67
CA GLY A 258 10.93 2.39 -1.79
C GLY A 258 11.32 3.54 -2.71
N SER A 259 12.12 3.20 -3.72
CA SER A 259 12.72 4.20 -4.60
C SER A 259 13.06 3.57 -5.94
N GLU A 260 13.05 4.40 -6.98
CA GLU A 260 13.36 3.96 -8.33
C GLU A 260 14.85 3.87 -8.60
N ASP A 261 15.69 4.19 -7.61
CA ASP A 261 17.11 3.87 -7.68
C ASP A 261 17.45 2.58 -6.96
N ASN A 262 16.44 1.73 -6.71
CA ASN A 262 16.58 0.36 -6.19
C ASN A 262 16.90 0.32 -4.70
N LEU A 263 16.70 1.42 -3.97
CA LEU A 263 17.03 1.51 -2.55
C LEU A 263 15.77 1.66 -1.70
N VAL A 264 15.88 1.25 -0.42
CA VAL A 264 14.89 1.64 0.58
C VAL A 264 15.39 2.90 1.30
N TYR A 265 14.56 3.94 1.37
CA TYR A 265 14.88 5.16 2.08
C TYR A 265 14.18 5.22 3.42
N ILE A 266 14.92 5.67 4.44
CA ILE A 266 14.40 5.88 5.78
C ILE A 266 14.76 7.29 6.22
N TRP A 267 13.74 8.08 6.57
CA TRP A 267 13.83 9.46 7.03
C TRP A 267 13.42 9.56 8.49
N ASN A 268 14.05 10.48 9.20
CA ASN A 268 13.55 10.89 10.51
C ASN A 268 12.25 11.67 10.29
N LEU A 269 11.15 11.23 10.92
CA LEU A 269 9.86 11.85 10.66
C LEU A 269 9.85 13.33 11.02
N GLN A 270 10.45 13.68 12.15
CA GLN A 270 10.40 15.06 12.64
C GLN A 270 11.36 15.96 11.86
N THR A 271 12.62 15.52 11.70
CA THR A 271 13.64 16.38 11.13
C THR A 271 13.72 16.32 9.61
N LYS A 272 13.16 15.27 9.01
CA LYS A 272 13.11 15.05 7.56
C LYS A 272 14.46 14.66 6.97
N GLU A 273 15.48 14.48 7.79
CA GLU A 273 16.78 13.99 7.33
C GLU A 273 16.68 12.52 6.93
N ILE A 274 17.40 12.15 5.87
CA ILE A 274 17.56 10.73 5.57
C ILE A 274 18.45 10.11 6.62
N VAL A 275 17.99 9.02 7.24
CA VAL A 275 18.78 8.35 8.27
C VAL A 275 19.31 7.00 7.83
N GLN A 276 18.70 6.35 6.85
CA GLN A 276 19.32 5.15 6.29
C GLN A 276 18.88 4.92 4.86
N LYS A 277 19.74 4.25 4.09
CA LYS A 277 19.39 3.74 2.78
C LYS A 277 19.78 2.27 2.74
N LEU A 278 18.85 1.41 2.33
CA LEU A 278 19.08 -0.03 2.29
C LEU A 278 19.29 -0.46 0.84
N GLN A 279 20.46 -1.05 0.58
CA GLN A 279 20.93 -1.42 -0.75
C GLN A 279 20.88 -2.94 -0.92
N GLY A 280 20.59 -3.37 -2.14
CA GLY A 280 20.59 -4.79 -2.44
C GLY A 280 19.59 -5.30 -3.46
N HIS A 281 18.46 -4.61 -3.62
CA HIS A 281 17.54 -4.96 -4.71
C HIS A 281 18.17 -4.60 -6.05
N THR A 282 17.76 -5.30 -7.11
CA THR A 282 18.31 -5.08 -8.45
C THR A 282 17.33 -4.36 -9.36
N ASP A 283 16.21 -3.90 -8.83
CA ASP A 283 15.20 -3.16 -9.58
C ASP A 283 14.48 -2.23 -8.63
N VAL A 284 13.54 -1.47 -9.19
CA VAL A 284 12.75 -0.51 -8.41
C VAL A 284 12.15 -1.19 -7.19
N VAL A 285 12.29 -0.57 -6.03
CA VAL A 285 11.64 -1.05 -4.83
C VAL A 285 10.21 -0.48 -4.84
N ILE A 286 9.25 -1.32 -5.25
CA ILE A 286 7.87 -0.87 -5.41
C ILE A 286 7.15 -0.82 -4.07
N SER A 287 7.59 -1.60 -3.09
CA SER A 287 6.75 -1.70 -1.90
C SER A 287 7.62 -1.94 -0.68
N THR A 288 7.24 -1.32 0.43
CA THR A 288 7.82 -1.57 1.74
C THR A 288 6.70 -1.67 2.76
N ALA A 289 6.96 -2.41 3.84
CA ALA A 289 6.03 -2.54 4.95
C ALA A 289 6.82 -2.60 6.24
N CYS A 290 6.21 -2.14 7.33
CA CYS A 290 6.85 -2.13 8.63
C CYS A 290 6.08 -3.04 9.58
N HIS A 291 6.82 -3.89 10.28
CA HIS A 291 6.21 -4.88 11.15
C HIS A 291 5.51 -4.18 12.33
N PRO A 292 4.36 -4.69 12.79
CA PRO A 292 3.60 -3.93 13.80
C PRO A 292 4.22 -3.89 15.18
N THR A 293 5.13 -4.80 15.54
CA THR A 293 5.72 -4.78 16.88
C THR A 293 7.23 -4.86 16.90
N GLU A 294 7.86 -5.37 15.85
CA GLU A 294 9.32 -5.52 15.81
C GLU A 294 9.88 -4.53 14.80
N ASN A 295 11.16 -4.16 14.98
CA ASN A 295 11.84 -3.29 14.02
C ASN A 295 12.23 -4.11 12.78
N ILE A 296 11.23 -4.42 11.97
CA ILE A 296 11.42 -5.21 10.76
C ILE A 296 10.78 -4.48 9.59
N ILE A 297 11.52 -4.37 8.50
CA ILE A 297 11.02 -3.83 7.24
C ILE A 297 11.02 -4.94 6.19
N ALA A 298 9.92 -5.05 5.45
CA ALA A 298 9.89 -5.88 4.26
C ALA A 298 9.91 -4.97 3.05
N SER A 299 10.68 -5.35 2.03
CA SER A 299 10.78 -4.58 0.80
C SER A 299 10.60 -5.52 -0.38
N ALA A 300 10.13 -4.99 -1.49
CA ALA A 300 9.88 -5.81 -2.66
C ALA A 300 10.08 -5.00 -3.93
N ALA A 301 10.55 -5.69 -4.97
CA ALA A 301 11.09 -5.08 -6.18
C ALA A 301 10.43 -5.65 -7.43
N LEU A 302 10.62 -4.92 -8.54
CA LEU A 302 9.96 -5.17 -9.81
C LEU A 302 10.63 -6.26 -10.66
N GLU A 303 10.31 -6.29 -11.96
CA GLU A 303 10.47 -7.47 -12.81
C GLU A 303 11.91 -8.00 -12.87
N ASN A 304 12.91 -7.11 -12.86
CA ASN A 304 14.28 -7.63 -13.01
C ASN A 304 14.84 -8.21 -11.72
N ASP A 305 14.12 -8.05 -10.61
CA ASP A 305 14.53 -8.55 -9.29
C ASP A 305 13.67 -9.70 -8.81
N LYS A 306 12.36 -9.48 -8.67
CA LYS A 306 11.34 -10.44 -8.26
C LYS A 306 11.47 -10.93 -6.83
N THR A 307 12.29 -10.32 -5.98
CA THR A 307 12.45 -10.83 -4.63
C THR A 307 11.87 -9.88 -3.59
N ILE A 308 11.66 -10.45 -2.39
CA ILE A 308 11.29 -9.73 -1.19
C ILE A 308 12.45 -9.85 -0.21
N LYS A 309 12.75 -8.76 0.50
CA LYS A 309 13.82 -8.77 1.47
C LYS A 309 13.30 -8.35 2.84
N LEU A 310 13.78 -9.00 3.88
CA LEU A 310 13.47 -8.66 5.26
C LEU A 310 14.70 -8.07 5.92
N TRP A 311 14.53 -6.91 6.55
CA TRP A 311 15.60 -6.17 7.21
C TRP A 311 15.20 -5.97 8.66
N LYS A 312 16.16 -6.09 9.57
CA LYS A 312 15.90 -5.88 11.00
C LYS A 312 16.88 -4.87 11.58
N SER A 313 16.37 -4.10 12.54
CA SER A 313 17.11 -3.03 13.20
C SER A 313 16.96 -3.17 14.72
N ASP A 314 17.90 -2.56 15.44
CA ASP A 314 17.84 -2.50 16.89
C ASP A 314 16.99 -1.34 17.40
N CYS A 315 16.69 -0.36 16.56
CA CYS A 315 15.85 0.76 16.93
C CYS A 315 15.11 1.31 15.72
N GLY B 1 0.00 -8.87 -16.80
CA GLY B 1 0.77 -8.32 -15.70
C GLY B 1 -0.10 -7.64 -14.68
N ALA B 2 0.47 -6.70 -13.93
CA ALA B 2 -0.27 -5.92 -12.95
C ALA B 2 0.03 -4.43 -13.15
N ALA B 3 -1.02 -3.61 -13.09
CA ALA B 3 -0.85 -2.20 -13.46
C ALA B 3 0.20 -1.52 -12.60
N ARG B 4 0.26 -1.83 -11.30
CA ARG B 4 1.27 -1.19 -10.45
C ARG B 4 2.69 -1.49 -10.93
N CYS B 5 2.94 -2.68 -11.45
CA CYS B 5 4.29 -3.05 -11.85
C CYS B 5 4.70 -2.40 -13.18
N GLU B 6 3.75 -1.78 -13.88
CA GLU B 6 4.04 -1.15 -15.17
C GLU B 6 4.37 0.34 -15.02
N GLY B 7 3.81 1.00 -14.02
CA GLY B 7 4.06 2.42 -13.84
C GLY B 7 3.25 3.25 -14.81
N PHE B 8 3.41 4.56 -14.70
CA PHE B 8 2.72 5.52 -15.54
C PHE B 8 3.67 5.98 -16.65
N SER B 9 3.27 5.74 -17.90
CA SER B 9 4.13 6.03 -19.05
C SER B 9 3.68 7.28 -19.80
#